data_5WYM
#
_entry.id   5WYM
#
_cell.length_a   119.489
_cell.length_b   119.489
_cell.length_c   94.106
_cell.angle_alpha   90.00
_cell.angle_beta   90.00
_cell.angle_gamma   90.00
#
_symmetry.space_group_name_H-M   'P 4 21 2'
#
loop_
_entity.id
_entity.type
_entity.pdbx_description
1 polymer 'anti-connexin26 scFv,Ig heavy chain,Linker,anti-connexin26 scFv,Ig light chain'
2 water water
#
_entity_poly.entity_id   1
_entity_poly.type   'polypeptide(L)'
_entity_poly.pdbx_seq_one_letter_code
;QVQLQQSGGGVVQPGRSLRLSCAASGFTFSSYAMHWVRQAPGKGLEWVAVISHGGSNKYYADSVKGRFTISRDNSKNTLY
LQMNSLRAEDTAVYYCARDFSWRGYYMDVWGKGTLVTVSSGSGGGGSETTLTQSPATLSLSPGERATLSCRASQSISSYL
AWYQQKPGQAPRLLIYGASTRATGIPDRFSGSGSGTDFTLTISRLEPEDFAVYYCQQYGSSPRTFGGGTKVEIKR
;
_entity_poly.pdbx_strand_id   A,C
#
# COMPACT_ATOMS: atom_id res chain seq x y z
N GLN A 1 9.78 -17.30 19.36
CA GLN A 1 9.14 -17.98 18.20
C GLN A 1 10.05 -17.90 16.94
N VAL A 2 9.60 -18.54 15.87
CA VAL A 2 10.29 -18.57 14.57
C VAL A 2 10.36 -17.15 13.98
N GLN A 3 11.57 -16.72 13.61
CA GLN A 3 11.81 -15.33 13.22
C GLN A 3 12.85 -15.17 12.11
N LEU A 4 12.60 -14.20 11.23
CA LEU A 4 13.54 -13.79 10.16
C LEU A 4 13.69 -12.27 10.14
N GLN A 5 14.90 -11.80 10.45
CA GLN A 5 15.21 -10.37 10.50
C GLN A 5 15.96 -9.93 9.25
N GLN A 6 15.42 -8.93 8.56
CA GLN A 6 15.95 -8.46 7.28
C GLN A 6 16.61 -7.09 7.34
N SER A 7 17.69 -6.94 6.57
CA SER A 7 18.46 -5.71 6.47
C SER A 7 19.24 -5.63 5.16
N GLY A 8 19.72 -4.43 4.82
CA GLY A 8 20.52 -4.20 3.61
C GLY A 8 19.80 -3.51 2.48
N GLY A 9 18.53 -3.14 2.70
CA GLY A 9 17.73 -2.42 1.71
C GLY A 9 18.07 -0.95 1.63
N GLY A 10 17.85 -0.37 0.45
CA GLY A 10 18.11 1.06 0.23
C GLY A 10 18.06 1.48 -1.23
N VAL A 11 18.65 2.64 -1.51
CA VAL A 11 18.68 3.22 -2.85
C VAL A 11 20.09 3.12 -3.43
N VAL A 12 20.18 2.55 -4.64
CA VAL A 12 21.42 2.47 -5.41
C VAL A 12 21.20 2.89 -6.87
N GLN A 13 22.28 3.31 -7.53
CA GLN A 13 22.25 3.63 -8.95
C GLN A 13 22.46 2.38 -9.81
N PRO A 14 21.91 2.36 -11.06
CA PRO A 14 22.10 1.24 -11.98
C PRO A 14 23.56 0.85 -12.21
N GLY A 15 23.82 -0.46 -12.24
CA GLY A 15 25.17 -1.00 -12.44
C GLY A 15 25.89 -1.43 -11.18
N ARG A 16 25.60 -0.75 -10.07
CA ARG A 16 26.24 -0.99 -8.77
C ARG A 16 25.82 -2.31 -8.10
N SER A 17 26.46 -2.61 -6.95
CA SER A 17 26.20 -3.84 -6.20
C SER A 17 25.54 -3.61 -4.84
N LEU A 18 24.57 -4.47 -4.53
CA LEU A 18 23.95 -4.53 -3.21
C LEU A 18 23.92 -5.95 -2.66
N ARG A 19 24.05 -6.05 -1.34
CA ARG A 19 23.94 -7.33 -0.65
C ARG A 19 22.90 -7.25 0.46
N LEU A 20 21.96 -8.20 0.45
CA LEU A 20 20.91 -8.29 1.46
C LEU A 20 21.20 -9.40 2.46
N SER A 21 20.77 -9.19 3.71
CA SER A 21 20.93 -10.17 4.78
C SER A 21 19.58 -10.58 5.37
N CYS A 22 19.49 -11.87 5.70
CA CYS A 22 18.32 -12.43 6.37
C CYS A 22 18.80 -13.29 7.54
N ALA A 23 18.72 -12.72 8.75
CA ALA A 23 19.16 -13.39 9.98
C ALA A 23 18.04 -14.24 10.57
N ALA A 24 18.34 -15.50 10.85
CA ALA A 24 17.32 -16.48 11.25
C ALA A 24 17.52 -17.02 12.67
N SER A 25 16.39 -17.19 13.37
CA SER A 25 16.35 -17.77 14.72
C SER A 25 15.00 -18.44 14.99
N GLY A 26 15.00 -19.43 15.89
CA GLY A 26 13.79 -20.15 16.29
C GLY A 26 13.60 -21.51 15.64
N PHE A 27 14.52 -21.86 14.74
CA PHE A 27 14.53 -23.14 14.04
C PHE A 27 15.96 -23.54 13.66
N THR A 28 16.15 -24.82 13.32
CA THR A 28 17.45 -25.32 12.87
C THR A 28 17.70 -24.85 11.42
N PHE A 29 18.46 -23.76 11.30
CA PHE A 29 18.71 -23.09 10.01
C PHE A 29 19.32 -24.01 8.94
N SER A 30 20.32 -24.79 9.34
CA SER A 30 21.09 -25.65 8.44
C SER A 30 20.33 -26.87 7.89
N SER A 31 19.07 -27.05 8.30
CA SER A 31 18.25 -28.18 7.87
C SER A 31 17.12 -27.82 6.90
N TYR A 32 16.94 -26.52 6.65
CA TYR A 32 15.92 -26.02 5.73
C TYR A 32 16.53 -25.38 4.50
N ALA A 33 15.85 -25.54 3.36
CA ALA A 33 16.15 -24.79 2.14
C ALA A 33 15.69 -23.35 2.31
N MET A 34 16.34 -22.44 1.59
CA MET A 34 16.06 -21.01 1.72
C MET A 34 15.71 -20.37 0.39
N HIS A 35 14.75 -19.45 0.43
CA HIS A 35 14.22 -18.77 -0.76
C HIS A 35 14.34 -17.25 -0.70
N TRP A 36 14.54 -16.64 -1.87
CA TRP A 36 14.34 -15.21 -2.06
C TRP A 36 13.18 -15.01 -3.05
N VAL A 37 12.24 -14.15 -2.67
CA VAL A 37 11.10 -13.78 -3.51
C VAL A 37 10.98 -12.25 -3.50
N ARG A 38 10.89 -11.65 -4.69
CA ARG A 38 10.74 -10.20 -4.81
C ARG A 38 9.35 -9.77 -5.29
N GLN A 39 8.99 -8.52 -4.98
CA GLN A 39 7.72 -7.94 -5.39
C GLN A 39 7.87 -6.45 -5.70
N ALA A 40 7.82 -6.12 -6.99
CA ALA A 40 7.87 -4.73 -7.46
C ALA A 40 6.60 -3.98 -7.04
N PRO A 41 6.76 -2.73 -6.55
CA PRO A 41 5.63 -1.96 -5.98
C PRO A 41 4.42 -1.89 -6.91
N GLY A 42 3.35 -2.57 -6.50
CA GLY A 42 2.11 -2.61 -7.27
C GLY A 42 1.79 -3.98 -7.85
N LYS A 43 2.77 -4.61 -8.50
CA LYS A 43 2.57 -5.90 -9.17
C LYS A 43 2.72 -7.11 -8.22
N GLY A 44 2.62 -8.32 -8.78
CA GLY A 44 2.65 -9.57 -7.99
C GLY A 44 4.01 -10.07 -7.56
N LEU A 45 4.03 -11.26 -6.96
CA LEU A 45 5.24 -11.89 -6.45
C LEU A 45 6.06 -12.55 -7.55
N GLU A 46 7.38 -12.32 -7.52
CA GLU A 46 8.32 -12.93 -8.45
C GLU A 46 9.37 -13.73 -7.67
N TRP A 47 9.46 -15.02 -7.98
CA TRP A 47 10.42 -15.94 -7.38
C TRP A 47 11.83 -15.67 -7.93
N VAL A 48 12.81 -15.53 -7.02
CA VAL A 48 14.18 -15.15 -7.40
C VAL A 48 15.14 -16.33 -7.38
N ALA A 49 15.37 -16.90 -6.19
CA ALA A 49 16.41 -17.92 -6.01
C ALA A 49 16.09 -18.91 -4.89
N VAL A 50 16.71 -20.08 -4.98
CA VAL A 50 16.66 -21.10 -3.91
C VAL A 50 18.06 -21.67 -3.64
N ILE A 51 18.37 -21.89 -2.36
CA ILE A 51 19.58 -22.59 -1.94
C ILE A 51 19.23 -23.81 -1.09
N SER A 52 19.97 -24.91 -1.29
CA SER A 52 19.85 -26.12 -0.48
C SER A 52 20.36 -25.88 0.95
N HIS A 53 19.96 -26.75 1.88
CA HIS A 53 20.28 -26.63 3.29
C HIS A 53 21.79 -26.68 3.59
N GLY A 54 22.51 -27.52 2.85
CA GLY A 54 23.98 -27.59 2.93
C GLY A 54 24.66 -26.47 2.18
N GLY A 55 23.96 -25.90 1.19
CA GLY A 55 24.47 -24.78 0.38
C GLY A 55 25.12 -25.18 -0.93
N SER A 56 25.17 -26.49 -1.19
CA SER A 56 25.82 -27.06 -2.38
C SER A 56 25.06 -26.80 -3.69
N ASN A 57 23.73 -26.89 -3.65
CA ASN A 57 22.88 -26.66 -4.82
C ASN A 57 22.21 -25.30 -4.78
N LYS A 58 22.33 -24.56 -5.89
CA LYS A 58 21.75 -23.23 -6.04
C LYS A 58 20.97 -23.15 -7.36
N TYR A 59 19.76 -22.61 -7.31
CA TYR A 59 18.93 -22.47 -8.52
C TYR A 59 18.26 -21.09 -8.60
N TYR A 60 18.29 -20.51 -9.81
CA TYR A 60 17.87 -19.13 -10.04
C TYR A 60 16.79 -19.02 -11.12
N ALA A 61 15.99 -17.95 -11.04
CA ALA A 61 15.05 -17.60 -12.10
C ALA A 61 15.79 -17.05 -13.32
N ASP A 62 15.17 -17.16 -14.49
CA ASP A 62 15.78 -16.75 -15.77
C ASP A 62 16.20 -15.29 -15.84
N SER A 63 15.38 -14.41 -15.25
CA SER A 63 15.59 -12.96 -15.28
C SER A 63 16.80 -12.51 -14.46
N VAL A 64 17.12 -13.26 -13.41
CA VAL A 64 18.21 -12.90 -12.48
C VAL A 64 19.51 -13.72 -12.66
N LYS A 65 19.41 -14.83 -13.40
CA LYS A 65 20.51 -15.77 -13.58
C LYS A 65 21.73 -15.15 -14.25
N GLY A 66 22.91 -15.48 -13.72
CA GLY A 66 24.18 -14.97 -14.22
C GLY A 66 24.72 -13.75 -13.49
N ARG A 67 23.84 -13.01 -12.81
CA ARG A 67 24.19 -11.77 -12.13
C ARG A 67 23.73 -11.67 -10.67
N PHE A 68 22.83 -12.57 -10.27
CA PHE A 68 22.40 -12.70 -8.88
C PHE A 68 23.01 -13.97 -8.27
N THR A 69 23.40 -13.88 -6.99
CA THR A 69 24.01 -15.01 -6.27
C THR A 69 23.36 -15.23 -4.91
N ILE A 70 22.89 -16.46 -4.69
CA ILE A 70 22.37 -16.89 -3.39
C ILE A 70 23.46 -17.62 -2.59
N SER A 71 23.63 -17.23 -1.33
CA SER A 71 24.59 -17.87 -0.43
C SER A 71 24.07 -17.90 1.01
N ARG A 72 24.72 -18.72 1.85
CA ARG A 72 24.35 -18.87 3.25
C ARG A 72 25.55 -19.18 4.15
N ASP A 73 25.45 -18.74 5.41
CA ASP A 73 26.43 -19.05 6.44
C ASP A 73 25.71 -19.77 7.59
N ASN A 74 25.90 -21.08 7.65
CA ASN A 74 25.19 -21.94 8.61
C ASN A 74 25.66 -21.79 10.07
N SER A 75 26.89 -21.31 10.25
CA SER A 75 27.42 -21.00 11.58
C SER A 75 26.94 -19.64 12.08
N LYS A 76 26.64 -18.74 11.13
CA LYS A 76 26.08 -17.41 11.43
C LYS A 76 24.55 -17.38 11.40
N ASN A 77 23.95 -18.45 10.88
CA ASN A 77 22.49 -18.58 10.68
C ASN A 77 21.89 -17.45 9.81
N THR A 78 22.58 -17.13 8.72
CA THR A 78 22.24 -16.00 7.87
C THR A 78 22.18 -16.41 6.40
N LEU A 79 21.16 -15.88 5.70
CA LEU A 79 21.01 -16.05 4.26
C LEU A 79 21.37 -14.74 3.55
N TYR A 80 22.07 -14.87 2.42
CA TYR A 80 22.50 -13.71 1.63
C TYR A 80 22.03 -13.75 0.18
N LEU A 81 21.83 -12.56 -0.38
CA LEU A 81 21.61 -12.38 -1.82
C LEU A 81 22.52 -11.28 -2.33
N GLN A 82 23.47 -11.66 -3.18
CA GLN A 82 24.36 -10.71 -3.85
C GLN A 82 23.70 -10.26 -5.16
N MET A 83 23.45 -8.96 -5.26
CA MET A 83 22.80 -8.37 -6.42
C MET A 83 23.83 -7.53 -7.18
N ASN A 84 24.19 -8.02 -8.37
CA ASN A 84 25.17 -7.35 -9.22
C ASN A 84 24.58 -6.95 -10.56
N SER A 85 25.16 -5.90 -11.16
CA SER A 85 24.75 -5.32 -12.44
C SER A 85 23.24 -5.00 -12.45
N LEU A 86 22.84 -4.14 -11.52
CA LEU A 86 21.43 -3.87 -11.22
C LEU A 86 20.70 -3.05 -12.27
N ARG A 87 19.58 -3.60 -12.77
CA ARG A 87 18.68 -2.92 -13.70
C ARG A 87 17.63 -2.10 -12.94
N ALA A 88 16.93 -1.24 -13.67
CA ALA A 88 15.81 -0.46 -13.13
C ALA A 88 14.62 -1.34 -12.75
N GLU A 89 14.43 -2.43 -13.51
CA GLU A 89 13.37 -3.41 -13.27
C GLU A 89 13.57 -4.26 -11.99
N ASP A 90 14.79 -4.24 -11.45
CA ASP A 90 15.13 -4.93 -10.19
C ASP A 90 14.53 -4.28 -8.94
N THR A 91 13.93 -3.09 -9.11
CA THR A 91 13.26 -2.34 -8.04
C THR A 91 12.07 -3.14 -7.50
N ALA A 92 12.23 -3.62 -6.28
CA ALA A 92 11.24 -4.49 -5.62
C ALA A 92 11.43 -4.54 -4.10
N VAL A 93 10.40 -4.98 -3.40
CA VAL A 93 10.50 -5.37 -1.99
C VAL A 93 10.96 -6.83 -1.99
N TYR A 94 12.10 -7.10 -1.36
CA TYR A 94 12.71 -8.43 -1.38
C TYR A 94 12.45 -9.19 -0.07
N TYR A 95 11.73 -10.31 -0.20
CA TYR A 95 11.41 -11.20 0.93
C TYR A 95 12.34 -12.41 0.96
N CYS A 96 12.92 -12.67 2.12
CA CYS A 96 13.55 -13.96 2.39
C CYS A 96 12.49 -14.88 2.98
N ALA A 97 12.55 -16.16 2.61
CA ALA A 97 11.57 -17.15 3.05
C ALA A 97 12.18 -18.52 3.30
N ARG A 98 11.83 -19.08 4.46
CA ARG A 98 12.22 -20.45 4.81
C ARG A 98 11.28 -21.42 4.13
N ASP A 99 11.87 -22.42 3.48
CA ASP A 99 11.11 -23.49 2.84
C ASP A 99 10.46 -24.37 3.92
N PHE A 100 9.44 -25.12 3.51
CA PHE A 100 8.72 -26.04 4.36
C PHE A 100 9.65 -27.10 4.95
N SER A 101 10.57 -27.58 4.12
CA SER A 101 11.57 -28.56 4.49
C SER A 101 12.85 -28.30 3.71
N TRP A 102 13.70 -29.32 3.60
CA TRP A 102 14.93 -29.25 2.83
C TRP A 102 14.69 -29.31 1.32
N ARG A 103 13.48 -29.68 0.93
CA ARG A 103 13.11 -29.89 -0.47
C ARG A 103 13.12 -28.67 -1.40
N GLY A 104 12.73 -27.51 -0.89
CA GLY A 104 12.71 -26.30 -1.72
C GLY A 104 11.47 -26.18 -2.59
N TYR A 105 10.41 -26.88 -2.19
CA TYR A 105 9.14 -26.89 -2.93
C TYR A 105 8.31 -25.62 -2.71
N TYR A 106 8.04 -25.31 -1.44
CA TYR A 106 7.18 -24.17 -1.03
C TYR A 106 7.56 -23.66 0.35
N MET A 107 7.34 -22.37 0.59
CA MET A 107 7.77 -21.70 1.82
C MET A 107 6.65 -21.39 2.81
N ASP A 108 6.93 -21.57 4.10
CA ASP A 108 5.93 -21.36 5.15
C ASP A 108 6.24 -20.23 6.15
N VAL A 109 7.51 -19.80 6.18
CA VAL A 109 7.94 -18.67 7.03
C VAL A 109 8.53 -17.58 6.13
N TRP A 110 8.03 -16.36 6.29
CA TRP A 110 8.45 -15.22 5.47
C TRP A 110 8.96 -14.07 6.33
N GLY A 111 10.08 -13.48 5.89
CA GLY A 111 10.60 -12.26 6.48
C GLY A 111 9.74 -11.06 6.13
N LYS A 112 9.90 -9.96 6.87
CA LYS A 112 9.12 -8.74 6.67
C LYS A 112 9.33 -8.10 5.31
N GLY A 113 10.56 -8.17 4.82
CA GLY A 113 10.94 -7.56 3.55
C GLY A 113 11.70 -6.25 3.70
N THR A 114 12.66 -6.03 2.80
CA THR A 114 13.37 -4.75 2.69
C THR A 114 13.20 -4.17 1.30
N LEU A 115 12.94 -2.86 1.23
CA LEU A 115 12.73 -2.15 -0.03
C LEU A 115 14.07 -1.86 -0.71
N VAL A 116 14.15 -2.20 -2.00
CA VAL A 116 15.33 -1.92 -2.84
C VAL A 116 14.87 -1.11 -4.06
N THR A 117 15.45 0.08 -4.21
CA THR A 117 15.14 0.99 -5.32
C THR A 117 16.38 1.26 -6.16
N VAL A 118 16.25 1.10 -7.47
CA VAL A 118 17.33 1.34 -8.43
C VAL A 118 16.97 2.53 -9.35
N SER A 119 17.49 3.69 -8.98
CA SER A 119 17.21 4.97 -9.67
C SER A 119 18.26 6.03 -9.28
N SER A 120 18.60 6.99 -10.16
CA SER A 120 18.15 7.14 -11.55
C SER A 120 19.27 7.78 -12.39
N GLY A 121 20.05 6.93 -13.05
CA GLY A 121 21.17 7.38 -13.89
C GLY A 121 22.20 6.30 -14.11
N SER A 127 12.91 16.78 -19.85
CA SER A 127 14.11 17.49 -20.34
C SER A 127 14.36 17.26 -21.83
N GLU A 128 14.18 16.03 -22.28
CA GLU A 128 14.39 15.63 -23.68
C GLU A 128 13.34 16.20 -24.63
N THR A 129 13.71 16.29 -25.91
CA THR A 129 12.81 16.73 -26.97
C THR A 129 12.41 15.52 -27.82
N THR A 130 11.12 15.17 -27.74
CA THR A 130 10.56 14.03 -28.47
C THR A 130 10.09 14.47 -29.84
N LEU A 131 10.49 13.70 -30.86
CA LEU A 131 10.02 13.89 -32.22
C LEU A 131 9.04 12.78 -32.61
N THR A 132 7.87 13.17 -33.07
CA THR A 132 6.85 12.22 -33.53
C THR A 132 6.69 12.35 -35.05
N GLN A 133 6.69 11.21 -35.74
CA GLN A 133 6.53 11.17 -37.18
C GLN A 133 5.22 10.52 -37.60
N SER A 134 4.52 11.20 -38.51
CA SER A 134 3.25 10.72 -39.05
C SER A 134 3.21 10.91 -40.57
N PRO A 135 2.66 9.94 -41.33
CA PRO A 135 2.13 8.67 -40.80
C PRO A 135 3.24 7.64 -40.56
N ALA A 136 2.88 6.50 -39.98
CA ALA A 136 3.83 5.40 -39.75
C ALA A 136 4.29 4.80 -41.08
N THR A 137 3.33 4.42 -41.91
CA THR A 137 3.57 3.98 -43.30
C THR A 137 2.76 4.84 -44.28
N LEU A 138 3.23 4.91 -45.52
CA LEU A 138 2.57 5.66 -46.58
C LEU A 138 2.70 4.93 -47.91
N SER A 139 1.56 4.44 -48.41
CA SER A 139 1.50 3.67 -49.66
C SER A 139 1.24 4.58 -50.85
N LEU A 140 2.17 4.59 -51.80
CA LEU A 140 2.08 5.43 -53.01
C LEU A 140 2.69 4.80 -54.26
N SER A 141 2.27 5.28 -55.44
CA SER A 141 2.83 4.89 -56.73
C SER A 141 4.05 5.75 -57.08
N PRO A 142 4.92 5.27 -58.01
CA PRO A 142 5.89 6.17 -58.63
C PRO A 142 5.20 7.27 -59.42
N GLY A 143 5.74 8.49 -59.34
CA GLY A 143 5.12 9.68 -59.93
C GLY A 143 4.30 10.48 -58.94
N GLU A 144 3.83 9.82 -57.88
CA GLU A 144 3.06 10.46 -56.80
C GLU A 144 3.96 11.26 -55.87
N ARG A 145 3.34 12.05 -54.98
CA ARG A 145 4.05 12.92 -54.07
C ARG A 145 3.85 12.47 -52.61
N ALA A 146 4.95 12.41 -51.88
CA ALA A 146 4.95 12.03 -50.47
C ALA A 146 5.07 13.24 -49.56
N THR A 147 4.20 13.30 -48.54
CA THR A 147 4.20 14.37 -47.55
C THR A 147 4.37 13.75 -46.17
N LEU A 148 5.41 14.18 -45.46
CA LEU A 148 5.83 13.58 -44.19
C LEU A 148 5.91 14.60 -43.07
N SER A 149 5.27 14.29 -41.94
CA SER A 149 5.24 15.19 -40.78
C SER A 149 6.23 14.79 -39.69
N CYS A 150 6.89 15.79 -39.11
CA CYS A 150 7.74 15.62 -37.94
C CYS A 150 7.40 16.70 -36.92
N ARG A 151 6.90 16.25 -35.76
CA ARG A 151 6.48 17.16 -34.69
C ARG A 151 7.34 17.01 -33.44
N ALA A 152 7.95 18.12 -33.03
CA ALA A 152 8.77 18.20 -31.83
C ALA A 152 7.93 18.56 -30.61
N SER A 153 8.30 18.01 -29.45
CA SER A 153 7.64 18.30 -28.18
C SER A 153 7.93 19.71 -27.67
N GLN A 154 9.09 20.24 -28.04
CA GLN A 154 9.53 21.59 -27.71
C GLN A 154 10.01 22.28 -28.98
N SER A 155 9.93 23.60 -29.01
CA SER A 155 10.37 24.36 -30.18
C SER A 155 11.87 24.15 -30.43
N ILE A 156 12.24 23.82 -31.66
CA ILE A 156 13.64 23.59 -32.00
C ILE A 156 14.27 24.68 -32.86
N SER A 157 13.51 25.73 -33.16
CA SER A 157 13.99 26.89 -33.93
C SER A 157 14.66 26.52 -35.26
N SER A 158 14.03 25.60 -35.97
CA SER A 158 14.45 25.08 -37.29
C SER A 158 15.76 24.26 -37.30
N TYR A 159 16.21 23.82 -36.13
CA TYR A 159 17.41 22.98 -36.07
C TYR A 159 17.01 21.51 -36.22
N LEU A 160 16.65 21.13 -37.45
CA LEU A 160 16.21 19.78 -37.74
C LEU A 160 16.86 19.23 -39.01
N ALA A 161 17.19 17.95 -38.98
CA ALA A 161 17.76 17.25 -40.13
C ALA A 161 16.87 16.10 -40.60
N TRP A 162 16.93 15.79 -41.89
CA TRP A 162 16.20 14.67 -42.48
C TRP A 162 17.15 13.60 -43.03
N TYR A 163 16.81 12.33 -42.78
CA TYR A 163 17.60 11.18 -43.24
C TYR A 163 16.77 10.19 -44.04
N GLN A 164 17.38 9.67 -45.10
CA GLN A 164 16.81 8.58 -45.90
C GLN A 164 17.57 7.30 -45.58
N GLN A 165 16.82 6.22 -45.34
CA GLN A 165 17.40 4.89 -45.21
C GLN A 165 16.74 3.88 -46.13
N LYS A 166 17.45 3.56 -47.21
CA LYS A 166 17.09 2.45 -48.11
C LYS A 166 17.23 1.15 -47.32
N PRO A 167 16.32 0.17 -47.55
CA PRO A 167 16.38 -1.10 -46.79
C PRO A 167 17.73 -1.83 -46.94
N GLY A 168 18.28 -2.26 -45.81
CA GLY A 168 19.57 -2.96 -45.76
C GLY A 168 20.80 -2.05 -45.78
N GLN A 169 20.58 -0.76 -45.96
CA GLN A 169 21.65 0.23 -46.10
C GLN A 169 21.75 1.18 -44.91
N ALA A 170 22.87 1.90 -44.86
CA ALA A 170 23.12 2.94 -43.86
C ALA A 170 22.30 4.19 -44.19
N PRO A 171 21.91 4.99 -43.15
CA PRO A 171 21.23 6.26 -43.38
C PRO A 171 22.05 7.26 -44.21
N ARG A 172 21.34 8.17 -44.88
CA ARG A 172 21.93 9.14 -45.79
C ARG A 172 21.24 10.47 -45.54
N LEU A 173 22.03 11.50 -45.21
CA LEU A 173 21.54 12.85 -44.94
C LEU A 173 20.93 13.48 -46.18
N LEU A 174 19.71 13.99 -46.05
CA LEU A 174 19.01 14.64 -47.15
C LEU A 174 18.91 16.15 -46.93
N ILE A 175 18.37 16.53 -45.77
CA ILE A 175 18.14 17.93 -45.43
C ILE A 175 18.69 18.28 -44.04
N TYR A 176 19.43 19.38 -43.96
CA TYR A 176 19.92 19.88 -42.68
C TYR A 176 19.47 21.33 -42.49
N GLY A 177 19.05 21.66 -41.27
CA GLY A 177 18.54 22.99 -40.96
C GLY A 177 17.08 23.19 -41.34
N ALA A 178 16.43 22.10 -41.76
CA ALA A 178 15.01 21.98 -42.13
C ALA A 178 14.61 22.57 -43.48
N SER A 179 15.54 23.25 -44.14
CA SER A 179 15.29 23.86 -45.45
C SER A 179 16.35 23.50 -46.46
N THR A 180 17.60 23.60 -46.02
CA THR A 180 18.77 23.35 -46.88
C THR A 180 18.85 21.91 -47.34
N ARG A 181 19.15 21.74 -48.62
CA ARG A 181 19.29 20.44 -49.23
C ARG A 181 20.77 20.13 -49.32
N ALA A 182 21.15 18.95 -48.82
CA ALA A 182 22.55 18.50 -48.82
C ALA A 182 23.07 18.26 -50.25
N THR A 183 24.39 18.25 -50.41
CA THR A 183 25.03 18.06 -51.73
C THR A 183 24.83 16.64 -52.24
N GLY A 184 24.37 16.53 -53.49
CA GLY A 184 24.01 15.25 -54.10
C GLY A 184 22.51 15.05 -54.21
N ILE A 185 21.76 15.58 -53.24
CA ILE A 185 20.31 15.42 -53.15
C ILE A 185 19.59 16.28 -54.20
N PRO A 186 18.76 15.64 -55.07
CA PRO A 186 17.98 16.36 -56.09
C PRO A 186 16.86 17.22 -55.50
N ASP A 187 16.43 18.23 -56.24
CA ASP A 187 15.49 19.24 -55.73
C ASP A 187 14.00 18.83 -55.69
N ARG A 188 13.72 17.55 -55.97
CA ARG A 188 12.38 16.99 -55.74
C ARG A 188 12.10 16.74 -54.26
N PHE A 189 13.17 16.62 -53.47
CA PHE A 189 13.12 16.61 -52.01
C PHE A 189 13.16 18.06 -51.53
N SER A 190 12.25 18.40 -50.61
CA SER A 190 12.24 19.72 -50.00
C SER A 190 11.77 19.68 -48.55
N GLY A 191 12.58 20.28 -47.68
CA GLY A 191 12.24 20.41 -46.26
C GLY A 191 11.54 21.72 -45.99
N SER A 192 10.67 21.71 -44.98
CA SER A 192 9.85 22.87 -44.63
C SER A 192 9.55 22.90 -43.13
N GLY A 193 9.31 24.10 -42.61
CA GLY A 193 8.82 24.27 -41.24
C GLY A 193 9.74 24.95 -40.26
N SER A 194 9.17 25.35 -39.12
CA SER A 194 9.87 26.03 -38.04
C SER A 194 9.18 25.81 -36.71
N GLY A 195 9.95 25.90 -35.62
CA GLY A 195 9.43 25.77 -34.27
C GLY A 195 9.20 24.33 -33.87
N THR A 196 7.95 23.89 -33.96
CA THR A 196 7.54 22.53 -33.57
C THR A 196 7.04 21.68 -34.74
N ASP A 197 6.63 22.35 -35.81
CA ASP A 197 6.01 21.68 -36.96
C ASP A 197 6.97 21.64 -38.15
N PHE A 198 7.18 20.43 -38.68
CA PHE A 198 8.13 20.21 -39.78
C PHE A 198 7.60 19.23 -40.82
N THR A 199 7.96 19.47 -42.08
CA THR A 199 7.54 18.61 -43.19
C THR A 199 8.63 18.34 -44.22
N LEU A 200 8.67 17.11 -44.70
CA LEU A 200 9.46 16.73 -45.87
C LEU A 200 8.51 16.36 -47.01
N THR A 201 8.75 16.96 -48.18
CA THR A 201 7.97 16.70 -49.37
C THR A 201 8.87 16.12 -50.48
N ILE A 202 8.47 14.95 -50.98
CA ILE A 202 9.14 14.29 -52.09
C ILE A 202 8.19 14.31 -53.28
N SER A 203 8.40 15.28 -54.17
CA SER A 203 7.59 15.42 -55.39
C SER A 203 8.06 14.42 -56.43
N ARG A 204 7.10 13.88 -57.18
CA ARG A 204 7.33 12.88 -58.26
C ARG A 204 8.28 11.75 -57.82
N LEU A 205 7.73 10.82 -57.05
CA LEU A 205 8.50 9.71 -56.45
C LEU A 205 9.18 8.84 -57.50
N GLU A 206 10.49 8.69 -57.34
CA GLU A 206 11.29 7.76 -58.12
C GLU A 206 11.22 6.40 -57.41
N PRO A 207 11.53 5.28 -58.12
CA PRO A 207 11.69 3.98 -57.45
C PRO A 207 12.76 3.94 -56.35
N GLU A 208 13.80 4.78 -56.48
CA GLU A 208 14.87 4.90 -55.48
C GLU A 208 14.37 5.52 -54.17
N ASP A 209 13.36 6.39 -54.27
CA ASP A 209 12.84 7.18 -53.15
C ASP A 209 12.07 6.38 -52.11
N PHE A 210 11.57 5.21 -52.50
CA PHE A 210 10.84 4.32 -51.59
C PHE A 210 11.78 3.74 -50.52
N ALA A 211 11.71 4.34 -49.34
CA ALA A 211 12.61 4.04 -48.22
C ALA A 211 11.99 4.50 -46.90
N VAL A 212 12.73 4.35 -45.80
CA VAL A 212 12.31 4.85 -44.49
C VAL A 212 12.94 6.23 -44.26
N TYR A 213 12.16 7.16 -43.72
CA TYR A 213 12.62 8.53 -43.49
C TYR A 213 12.56 8.94 -42.02
N TYR A 214 13.67 9.45 -41.50
CA TYR A 214 13.79 9.87 -40.11
C TYR A 214 14.13 11.36 -39.99
N CYS A 215 13.47 12.03 -39.05
CA CYS A 215 13.86 13.39 -38.68
C CYS A 215 14.69 13.37 -37.40
N GLN A 216 15.64 14.30 -37.29
CA GLN A 216 16.55 14.39 -36.16
C GLN A 216 16.72 15.85 -35.73
N GLN A 217 16.51 16.12 -34.45
CA GLN A 217 16.64 17.47 -33.89
C GLN A 217 18.00 17.72 -33.25
N TYR A 218 18.45 18.97 -33.28
CA TYR A 218 19.70 19.38 -32.64
C TYR A 218 19.63 20.76 -31.95
N GLY A 219 18.40 21.15 -31.59
CA GLY A 219 18.16 22.36 -30.81
C GLY A 219 18.45 22.18 -29.33
N SER A 220 18.28 20.95 -28.84
CA SER A 220 18.49 20.60 -27.44
C SER A 220 19.31 19.32 -27.31
N SER A 221 19.95 19.16 -26.15
CA SER A 221 20.70 17.96 -25.80
C SER A 221 19.86 17.07 -24.86
N PRO A 222 19.89 15.73 -25.05
CA PRO A 222 20.61 15.01 -26.10
C PRO A 222 19.93 15.03 -27.47
N ARG A 223 20.68 14.66 -28.50
CA ARG A 223 20.19 14.56 -29.88
C ARG A 223 19.22 13.39 -30.00
N THR A 224 18.05 13.64 -30.58
CA THR A 224 17.01 12.61 -30.72
C THR A 224 16.52 12.45 -32.16
N PHE A 225 16.03 11.24 -32.46
CA PHE A 225 15.42 10.90 -33.74
C PHE A 225 13.89 10.80 -33.64
N GLY A 226 13.24 10.83 -34.79
CA GLY A 226 11.83 10.50 -34.90
C GLY A 226 11.67 9.00 -35.18
N GLY A 227 10.46 8.49 -34.95
CA GLY A 227 10.15 7.06 -35.10
C GLY A 227 10.25 6.50 -36.52
N GLY A 228 10.27 7.39 -37.51
CA GLY A 228 10.40 7.00 -38.90
C GLY A 228 9.08 6.93 -39.66
N THR A 229 9.15 7.18 -40.96
CA THR A 229 8.04 6.98 -41.88
C THR A 229 8.53 6.15 -43.06
N LYS A 230 7.91 5.00 -43.24
CA LYS A 230 8.19 4.13 -44.38
C LYS A 230 7.33 4.53 -45.56
N VAL A 231 7.99 4.86 -46.67
CA VAL A 231 7.32 5.13 -47.93
C VAL A 231 7.46 3.88 -48.80
N GLU A 232 6.32 3.21 -49.02
CA GLU A 232 6.28 1.94 -49.75
C GLU A 232 5.31 1.99 -50.92
N ILE A 233 5.52 1.10 -51.90
CA ILE A 233 4.66 1.00 -53.08
C ILE A 233 3.28 0.40 -52.77
N LYS A 234 2.33 0.65 -53.66
CA LYS A 234 1.03 -0.04 -53.66
C LYS A 234 0.66 -0.44 -55.09
N GLN B 1 11.24 11.14 -11.53
CA GLN B 1 10.19 12.11 -11.09
C GLN B 1 9.76 11.85 -9.64
N VAL B 2 9.09 12.83 -9.05
CA VAL B 2 8.58 12.77 -7.67
C VAL B 2 7.46 11.73 -7.56
N GLN B 3 7.64 10.75 -6.68
CA GLN B 3 6.60 9.75 -6.49
C GLN B 3 6.40 9.33 -5.05
N LEU B 4 5.16 8.92 -4.77
CA LEU B 4 4.72 8.45 -3.46
C LEU B 4 3.98 7.13 -3.60
N GLN B 5 4.64 6.03 -3.22
CA GLN B 5 4.07 4.69 -3.27
C GLN B 5 3.38 4.32 -1.97
N GLN B 6 2.09 3.99 -2.05
CA GLN B 6 1.27 3.66 -0.89
C GLN B 6 0.96 2.17 -0.81
N SER B 7 0.96 1.66 0.43
CA SER B 7 0.59 0.27 0.72
C SER B 7 0.04 0.12 2.14
N GLY B 8 -0.65 -0.99 2.39
CA GLY B 8 -1.09 -1.35 3.74
C GLY B 8 -2.52 -1.05 4.10
N GLY B 9 -3.41 -1.09 3.11
CA GLY B 9 -4.85 -0.86 3.32
C GLY B 9 -5.55 -2.09 3.87
N GLY B 10 -6.71 -2.41 3.29
CA GLY B 10 -7.47 -3.60 3.65
C GLY B 10 -8.70 -3.38 4.49
N VAL B 11 -9.28 -4.48 4.96
CA VAL B 11 -10.52 -4.50 5.75
C VAL B 11 -10.24 -5.08 7.14
N VAL B 12 -10.76 -4.42 8.17
CA VAL B 12 -10.67 -4.89 9.57
C VAL B 12 -11.98 -4.74 10.34
N GLN B 13 -12.14 -5.56 11.39
CA GLN B 13 -13.24 -5.44 12.33
C GLN B 13 -13.04 -4.24 13.27
N PRO B 14 -14.14 -3.63 13.77
CA PRO B 14 -14.06 -2.53 14.74
C PRO B 14 -13.24 -2.85 15.99
N GLY B 15 -12.36 -1.93 16.36
CA GLY B 15 -11.50 -2.07 17.54
C GLY B 15 -10.11 -2.60 17.27
N ARG B 16 -9.88 -3.05 16.03
CA ARG B 16 -8.60 -3.64 15.63
C ARG B 16 -7.68 -2.65 14.90
N SER B 17 -6.43 -3.05 14.69
CA SER B 17 -5.38 -2.16 14.20
C SER B 17 -4.99 -2.34 12.72
N LEU B 18 -4.46 -1.27 12.13
CA LEU B 18 -3.81 -1.31 10.81
C LEU B 18 -2.64 -0.33 10.73
N ARG B 19 -1.69 -0.63 9.85
CA ARG B 19 -0.55 0.25 9.56
C ARG B 19 -0.53 0.61 8.08
N LEU B 20 -0.45 1.90 7.79
CA LEU B 20 -0.30 2.39 6.41
C LEU B 20 1.14 2.80 6.13
N SER B 21 1.57 2.57 4.90
CA SER B 21 2.93 2.89 4.44
C SER B 21 2.91 3.88 3.29
N CYS B 22 3.93 4.73 3.25
CA CYS B 22 4.12 5.68 2.15
C CYS B 22 5.61 5.85 1.87
N ALA B 23 6.10 5.11 0.88
CA ALA B 23 7.49 5.18 0.42
C ALA B 23 7.65 6.28 -0.61
N ALA B 24 8.66 7.12 -0.41
CA ALA B 24 8.86 8.32 -1.22
C ALA B 24 10.17 8.30 -2.02
N SER B 25 10.11 8.87 -3.22
CA SER B 25 11.29 9.05 -4.07
C SER B 25 11.15 10.26 -5.00
N GLY B 26 12.27 10.78 -5.47
CA GLY B 26 12.32 11.91 -6.41
C GLY B 26 12.51 13.28 -5.77
N PHE B 27 12.65 13.29 -4.44
CA PHE B 27 12.88 14.51 -3.66
C PHE B 27 13.61 14.18 -2.35
N THR B 28 14.14 15.20 -1.68
CA THR B 28 14.81 15.03 -0.39
C THR B 28 13.75 14.88 0.73
N PHE B 29 13.35 13.63 0.98
CA PHE B 29 12.30 13.27 1.93
C PHE B 29 12.46 13.88 3.32
N SER B 30 13.68 13.86 3.84
CA SER B 30 14.01 14.36 5.19
C SER B 30 14.00 15.89 5.33
N SER B 31 13.64 16.58 4.25
CA SER B 31 13.55 18.05 4.24
C SER B 31 12.12 18.59 4.11
N TYR B 32 11.17 17.68 3.90
CA TYR B 32 9.75 18.04 3.76
C TYR B 32 8.91 17.47 4.89
N ALA B 33 7.90 18.25 5.30
CA ALA B 33 6.86 17.77 6.20
C ALA B 33 5.94 16.81 5.44
N MET B 34 5.31 15.89 6.16
CA MET B 34 4.42 14.90 5.54
C MET B 34 3.02 14.92 6.16
N HIS B 35 2.01 14.67 5.34
CA HIS B 35 0.60 14.70 5.75
C HIS B 35 -0.16 13.40 5.46
N TRP B 36 -1.12 13.09 6.31
CA TRP B 36 -2.17 12.12 5.99
C TRP B 36 -3.52 12.85 5.88
N VAL B 37 -4.21 12.61 4.77
CA VAL B 37 -5.54 13.16 4.51
C VAL B 37 -6.44 11.98 4.10
N ARG B 38 -7.65 11.93 4.66
CA ARG B 38 -8.60 10.85 4.34
C ARG B 38 -9.90 11.35 3.70
N GLN B 39 -10.62 10.41 3.09
CA GLN B 39 -11.89 10.69 2.43
C GLN B 39 -12.80 9.46 2.47
N ALA B 40 -13.84 9.54 3.30
CA ALA B 40 -14.88 8.52 3.37
C ALA B 40 -15.71 8.53 2.08
N PRO B 41 -16.19 7.35 1.60
CA PRO B 41 -16.90 7.30 0.32
C PRO B 41 -18.16 8.17 0.32
N GLY B 42 -18.25 9.09 -0.63
CA GLY B 42 -19.37 10.02 -0.73
C GLY B 42 -19.07 11.41 -0.18
N LYS B 43 -18.41 11.43 0.99
CA LYS B 43 -18.05 12.65 1.72
C LYS B 43 -16.78 13.33 1.20
N GLY B 44 -16.53 14.56 1.65
CA GLY B 44 -15.36 15.34 1.24
C GLY B 44 -14.07 14.97 1.96
N LEU B 45 -13.04 15.80 1.76
CA LEU B 45 -11.71 15.58 2.34
C LEU B 45 -11.65 15.93 3.82
N GLU B 46 -10.86 15.16 4.56
CA GLU B 46 -10.64 15.37 5.99
C GLU B 46 -9.16 15.20 6.33
N TRP B 47 -8.59 16.23 6.95
CA TRP B 47 -7.19 16.24 7.35
C TRP B 47 -6.99 15.37 8.60
N VAL B 48 -5.99 14.49 8.56
CA VAL B 48 -5.75 13.52 9.64
C VAL B 48 -4.60 13.97 10.55
N ALA B 49 -3.38 14.05 10.00
CA ALA B 49 -2.18 14.32 10.77
C ALA B 49 -1.04 14.97 9.95
N VAL B 50 -0.11 15.59 10.66
CA VAL B 50 1.13 16.13 10.07
C VAL B 50 2.36 15.72 10.91
N ILE B 51 3.47 15.48 10.22
CA ILE B 51 4.77 15.28 10.86
C ILE B 51 5.82 16.22 10.25
N SER B 52 6.60 16.87 11.13
CA SER B 52 7.72 17.72 10.73
C SER B 52 8.85 16.90 10.09
N HIS B 53 9.73 17.58 9.36
CA HIS B 53 10.80 16.94 8.58
C HIS B 53 11.79 16.12 9.41
N GLY B 54 12.14 16.63 10.60
CA GLY B 54 12.99 15.91 11.55
C GLY B 54 12.27 14.81 12.29
N GLY B 55 10.93 14.88 12.31
CA GLY B 55 10.09 13.87 12.94
C GLY B 55 9.70 14.14 14.39
N SER B 56 10.24 15.23 14.95
CA SER B 56 10.08 15.58 16.36
C SER B 56 8.73 16.19 16.73
N ASN B 57 8.09 16.86 15.77
CA ASN B 57 6.79 17.50 15.99
C ASN B 57 5.66 16.83 15.18
N LYS B 58 4.63 16.42 15.91
CA LYS B 58 3.46 15.74 15.34
C LYS B 58 2.17 16.40 15.80
N TYR B 59 1.24 16.60 14.86
CA TYR B 59 -0.08 17.17 15.18
C TYR B 59 -1.20 16.38 14.51
N TYR B 60 -2.29 16.19 15.26
CA TYR B 60 -3.40 15.34 14.85
C TYR B 60 -4.74 16.08 14.85
N ALA B 61 -5.67 15.59 14.05
CA ALA B 61 -7.07 16.01 14.12
C ALA B 61 -7.73 15.41 15.38
N ASP B 62 -8.75 16.09 15.88
CA ASP B 62 -9.45 15.70 17.11
C ASP B 62 -10.16 14.35 17.02
N SER B 63 -10.59 13.98 15.80
CA SER B 63 -11.28 12.72 15.54
C SER B 63 -10.37 11.48 15.65
N VAL B 64 -9.07 11.69 15.47
CA VAL B 64 -8.09 10.58 15.39
C VAL B 64 -7.04 10.56 16.52
N LYS B 65 -6.86 11.70 17.20
CA LYS B 65 -5.83 11.86 18.24
C LYS B 65 -5.95 10.85 19.37
N GLY B 66 -4.80 10.31 19.78
CA GLY B 66 -4.74 9.30 20.84
C GLY B 66 -4.63 7.89 20.30
N ARG B 67 -5.44 7.59 19.28
CA ARG B 67 -5.51 6.25 18.70
C ARG B 67 -4.80 6.11 17.34
N PHE B 68 -4.54 7.24 16.69
CA PHE B 68 -3.73 7.28 15.46
C PHE B 68 -2.35 7.83 15.79
N THR B 69 -1.33 7.28 15.13
CA THR B 69 0.06 7.73 15.32
C THR B 69 0.78 7.91 14.00
N ILE B 70 1.19 9.16 13.74
CA ILE B 70 2.03 9.50 12.60
C ILE B 70 3.52 9.36 12.97
N SER B 71 4.28 8.72 12.08
CA SER B 71 5.72 8.54 12.26
C SER B 71 6.41 8.49 10.90
N ARG B 72 7.74 8.59 10.91
CA ARG B 72 8.54 8.51 9.68
C ARG B 72 9.90 7.84 9.89
N ASP B 73 10.43 7.28 8.80
CA ASP B 73 11.79 6.74 8.76
C ASP B 73 12.55 7.42 7.61
N ASN B 74 13.43 8.35 7.98
CA ASN B 74 14.20 9.17 7.01
C ASN B 74 15.31 8.41 6.28
N SER B 75 15.80 7.34 6.90
CA SER B 75 16.80 6.45 6.27
C SER B 75 16.16 5.53 5.24
N LYS B 76 14.88 5.19 5.45
CA LYS B 76 14.10 4.36 4.54
C LYS B 76 13.23 5.15 3.56
N ASN B 77 13.12 6.47 3.79
CA ASN B 77 12.23 7.38 3.04
C ASN B 77 10.74 6.95 3.10
N THR B 78 10.30 6.54 4.29
CA THR B 78 8.96 5.98 4.48
C THR B 78 8.20 6.74 5.58
N LEU B 79 6.93 7.05 5.26
CA LEU B 79 5.98 7.65 6.20
C LEU B 79 4.98 6.58 6.66
N TYR B 80 4.62 6.61 7.94
CA TYR B 80 3.70 5.63 8.53
C TYR B 80 2.48 6.26 9.19
N LEU B 81 1.38 5.50 9.20
CA LEU B 81 0.23 5.81 10.05
C LEU B 81 -0.29 4.55 10.76
N GLN B 82 -0.02 4.49 12.06
CA GLN B 82 -0.50 3.42 12.92
C GLN B 82 -1.92 3.76 13.38
N MET B 83 -2.89 2.97 12.94
CA MET B 83 -4.30 3.21 13.22
C MET B 83 -4.86 2.17 14.18
N ASN B 84 -4.88 2.51 15.47
CA ASN B 84 -5.38 1.62 16.53
C ASN B 84 -6.82 1.94 16.89
N SER B 85 -7.51 0.95 17.46
CA SER B 85 -8.88 1.08 17.99
C SER B 85 -9.86 1.73 16.99
N LEU B 86 -9.84 1.19 15.76
CA LEU B 86 -10.60 1.74 14.64
C LEU B 86 -12.11 1.58 14.81
N ARG B 87 -12.83 2.69 14.63
CA ARG B 87 -14.30 2.68 14.62
C ARG B 87 -14.87 2.76 13.19
N ALA B 88 -16.19 2.60 13.08
CA ALA B 88 -16.90 2.58 11.78
C ALA B 88 -16.70 3.84 10.93
N GLU B 89 -16.55 4.98 11.61
CA GLU B 89 -16.33 6.27 10.97
C GLU B 89 -15.04 6.35 10.17
N ASP B 90 -14.03 5.62 10.63
CA ASP B 90 -12.69 5.66 10.06
C ASP B 90 -12.58 5.04 8.65
N THR B 91 -13.71 4.51 8.16
CA THR B 91 -13.80 3.95 6.80
C THR B 91 -13.58 5.06 5.77
N ALA B 92 -12.43 5.02 5.10
CA ALA B 92 -12.00 6.07 4.17
C ALA B 92 -10.88 5.61 3.23
N VAL B 93 -10.68 6.35 2.15
CA VAL B 93 -9.49 6.24 1.31
C VAL B 93 -8.46 7.19 1.92
N TYR B 94 -7.28 6.66 2.23
CA TYR B 94 -6.23 7.42 2.90
C TYR B 94 -5.11 7.82 1.94
N TYR B 95 -4.88 9.13 1.85
CA TYR B 95 -3.83 9.70 1.01
C TYR B 95 -2.66 10.18 1.87
N CYS B 96 -1.46 9.74 1.51
CA CYS B 96 -0.24 10.39 2.00
C CYS B 96 0.11 11.51 1.04
N ALA B 97 0.53 12.63 1.59
CA ALA B 97 0.86 13.81 0.80
C ALA B 97 2.07 14.55 1.32
N ARG B 98 2.96 14.91 0.40
CA ARG B 98 4.12 15.74 0.71
C ARG B 98 3.68 17.19 0.83
N ASP B 99 4.17 17.85 1.86
CA ASP B 99 3.93 19.26 2.08
C ASP B 99 4.72 20.06 1.05
N PHE B 100 4.30 21.30 0.83
CA PHE B 100 4.98 22.21 -0.10
C PHE B 100 6.43 22.46 0.32
N SER B 101 6.62 22.62 1.63
CA SER B 101 7.92 22.82 2.24
C SER B 101 8.00 21.99 3.53
N TRP B 102 8.93 22.38 4.40
CA TRP B 102 9.07 21.76 5.71
C TRP B 102 8.08 22.35 6.70
N ARG B 103 7.35 23.37 6.25
CA ARG B 103 6.46 24.16 7.11
C ARG B 103 5.18 23.50 7.59
N GLY B 104 4.59 22.64 6.78
CA GLY B 104 3.36 21.94 7.15
C GLY B 104 2.10 22.76 6.91
N TYR B 105 2.09 23.53 5.81
CA TYR B 105 0.97 24.41 5.51
C TYR B 105 -0.04 23.80 4.53
N TYR B 106 0.45 23.30 3.40
CA TYR B 106 -0.40 22.76 2.32
C TYR B 106 0.38 21.76 1.47
N MET B 107 -0.34 20.77 0.95
CA MET B 107 0.27 19.66 0.19
C MET B 107 0.23 19.85 -1.32
N ASP B 108 1.34 19.54 -1.97
CA ASP B 108 1.42 19.70 -3.44
C ASP B 108 1.70 18.41 -4.22
N VAL B 109 2.17 17.36 -3.53
CA VAL B 109 2.37 16.04 -4.12
C VAL B 109 1.53 15.02 -3.34
N TRP B 110 0.68 14.29 -4.07
CA TRP B 110 -0.27 13.34 -3.48
C TRP B 110 -0.07 11.93 -4.00
N GLY B 111 -0.16 10.95 -3.10
CA GLY B 111 -0.17 9.53 -3.46
C GLY B 111 -1.52 9.08 -3.97
N LYS B 112 -1.56 7.88 -4.56
CA LYS B 112 -2.77 7.33 -5.19
C LYS B 112 -3.92 7.04 -4.21
N GLY B 113 -3.58 6.74 -2.97
CA GLY B 113 -4.56 6.44 -1.92
C GLY B 113 -4.76 4.95 -1.68
N THR B 114 -5.02 4.60 -0.42
CA THR B 114 -5.39 3.23 -0.04
C THR B 114 -6.69 3.21 0.75
N LEU B 115 -7.62 2.36 0.31
CA LEU B 115 -8.93 2.21 0.95
C LEU B 115 -8.82 1.38 2.22
N VAL B 116 -9.40 1.91 3.30
CA VAL B 116 -9.47 1.24 4.60
C VAL B 116 -10.94 1.12 4.99
N THR B 117 -11.39 -0.12 5.19
CA THR B 117 -12.81 -0.40 5.47
C THR B 117 -12.97 -1.08 6.84
N VAL B 118 -13.87 -0.51 7.65
CA VAL B 118 -14.12 -1.01 9.01
C VAL B 118 -15.53 -1.62 9.11
N SER B 119 -15.58 -2.95 9.21
CA SER B 119 -16.83 -3.73 9.29
C SER B 119 -16.56 -5.10 9.94
N SER B 120 -17.54 -5.70 10.64
CA SER B 120 -18.87 -5.15 10.93
C SER B 120 -19.25 -5.43 12.39
N SER B 127 -15.38 -9.95 18.74
CA SER B 127 -14.92 -10.93 19.73
C SER B 127 -15.57 -10.77 21.11
N GLU B 128 -15.99 -9.54 21.42
CA GLU B 128 -16.63 -9.18 22.69
C GLU B 128 -17.98 -9.89 22.86
N THR B 129 -18.26 -10.33 24.09
CA THR B 129 -19.53 -10.99 24.41
C THR B 129 -20.59 -9.93 24.72
N THR B 130 -21.69 -9.98 23.98
CA THR B 130 -22.84 -9.09 24.18
C THR B 130 -23.84 -9.75 25.12
N LEU B 131 -24.35 -8.97 26.07
CA LEU B 131 -25.40 -9.43 26.98
C LEU B 131 -26.71 -8.68 26.69
N THR B 132 -27.75 -9.45 26.40
CA THR B 132 -29.07 -8.91 26.10
C THR B 132 -30.01 -9.15 27.27
N GLN B 133 -30.55 -8.06 27.82
CA GLN B 133 -31.50 -8.12 28.93
C GLN B 133 -32.92 -7.88 28.46
N SER B 134 -33.83 -8.69 29.00
CA SER B 134 -35.26 -8.60 28.69
C SER B 134 -36.11 -8.85 29.94
N PRO B 135 -37.26 -8.14 30.09
CA PRO B 135 -37.70 -7.07 29.17
C PRO B 135 -36.98 -5.74 29.45
N ALA B 136 -37.33 -4.70 28.68
CA ALA B 136 -36.74 -3.36 28.86
C ALA B 136 -37.19 -2.73 30.17
N THR B 137 -38.51 -2.70 30.39
CA THR B 137 -39.12 -2.28 31.65
C THR B 137 -40.14 -3.33 32.09
N LEU B 138 -40.32 -3.45 33.41
CA LEU B 138 -41.25 -4.41 33.99
C LEU B 138 -42.07 -3.73 35.08
N SER B 139 -43.37 -3.59 34.83
CA SER B 139 -44.30 -2.93 35.75
C SER B 139 -44.93 -3.94 36.69
N LEU B 140 -44.70 -3.76 37.99
CA LEU B 140 -45.23 -4.66 39.01
C LEU B 140 -45.63 -3.94 40.31
N SER B 141 -46.57 -4.53 41.04
CA SER B 141 -46.97 -4.06 42.38
C SER B 141 -46.01 -4.60 43.44
N PRO B 142 -45.94 -3.93 44.61
CA PRO B 142 -45.23 -4.52 45.76
C PRO B 142 -45.83 -5.86 46.20
N GLY B 143 -44.96 -6.83 46.47
CA GLY B 143 -45.38 -8.19 46.84
C GLY B 143 -45.29 -9.20 45.71
N GLU B 144 -45.31 -8.69 44.47
CA GLU B 144 -45.20 -9.52 43.27
C GLU B 144 -43.77 -9.99 43.00
N ARG B 145 -43.61 -10.86 42.00
CA ARG B 145 -42.34 -11.49 41.67
C ARG B 145 -41.79 -10.96 40.35
N ALA B 146 -40.51 -10.62 40.34
CA ALA B 146 -39.84 -10.09 39.15
C ALA B 146 -38.83 -11.09 38.58
N THR B 147 -39.12 -11.58 37.37
CA THR B 147 -38.22 -12.46 36.65
C THR B 147 -37.53 -11.67 35.53
N LEU B 148 -36.20 -11.62 35.60
CA LEU B 148 -35.39 -10.82 34.69
C LEU B 148 -34.42 -11.71 33.92
N SER B 149 -34.33 -11.49 32.61
CA SER B 149 -33.44 -12.27 31.74
C SER B 149 -32.10 -11.58 31.46
N CYS B 150 -31.08 -12.41 31.28
CA CYS B 150 -29.77 -12.00 30.77
C CYS B 150 -29.28 -13.09 29.82
N ARG B 151 -29.14 -12.72 28.55
CA ARG B 151 -28.78 -13.66 27.49
C ARG B 151 -27.41 -13.28 26.92
N ALA B 152 -26.47 -14.23 27.02
CA ALA B 152 -25.11 -14.05 26.52
C ALA B 152 -24.99 -14.61 25.09
N SER B 153 -24.34 -13.83 24.22
CA SER B 153 -24.12 -14.20 22.82
C SER B 153 -23.15 -15.38 22.65
N GLN B 154 -22.28 -15.53 23.65
CA GLN B 154 -21.28 -16.60 23.72
C GLN B 154 -21.35 -17.21 25.11
N SER B 155 -21.04 -18.50 25.23
CA SER B 155 -21.09 -19.16 26.53
C SER B 155 -20.10 -18.52 27.51
N ILE B 156 -20.60 -18.16 28.70
CA ILE B 156 -19.77 -17.51 29.70
C ILE B 156 -19.38 -18.40 30.90
N SER B 157 -19.81 -19.65 30.87
CA SER B 157 -19.46 -20.65 31.90
C SER B 157 -19.74 -20.19 33.34
N SER B 158 -20.91 -19.58 33.55
CA SER B 158 -21.39 -19.08 34.85
C SER B 158 -20.63 -17.89 35.47
N TYR B 159 -19.81 -17.22 34.67
CA TYR B 159 -19.08 -16.06 35.15
C TYR B 159 -19.92 -14.80 34.95
N LEU B 160 -20.96 -14.63 35.77
CA LEU B 160 -21.86 -13.49 35.64
C LEU B 160 -22.20 -12.84 36.98
N ALA B 161 -22.28 -11.51 36.97
CA ALA B 161 -22.67 -10.73 38.15
C ALA B 161 -23.94 -9.92 37.91
N TRP B 162 -24.66 -9.62 38.99
CA TRP B 162 -25.86 -8.78 38.95
C TRP B 162 -25.69 -7.54 39.83
N TYR B 163 -26.17 -6.40 39.31
CA TYR B 163 -26.10 -5.11 40.01
C TYR B 163 -27.47 -4.45 40.14
N GLN B 164 -27.71 -3.83 41.29
CA GLN B 164 -28.89 -3.00 41.53
C GLN B 164 -28.49 -1.54 41.52
N GLN B 165 -29.20 -0.72 40.74
CA GLN B 165 -29.01 0.73 40.75
C GLN B 165 -30.32 1.46 41.04
N LYS B 166 -30.42 2.00 42.26
CA LYS B 166 -31.51 2.88 42.69
C LYS B 166 -31.41 4.22 41.95
N PRO B 167 -32.56 4.93 41.78
CA PRO B 167 -32.57 6.27 41.16
C PRO B 167 -31.60 7.26 41.83
N GLY B 168 -30.70 7.83 41.03
CA GLY B 168 -29.69 8.78 41.50
C GLY B 168 -28.66 8.19 42.45
N GLN B 169 -28.35 6.91 42.27
CA GLN B 169 -27.39 6.20 43.13
C GLN B 169 -26.36 5.42 42.34
N ALA B 170 -25.25 5.07 42.99
CA ALA B 170 -24.23 4.19 42.44
C ALA B 170 -24.75 2.75 42.40
N PRO B 171 -24.33 1.95 41.39
CA PRO B 171 -24.68 0.52 41.37
C PRO B 171 -24.16 -0.23 42.59
N ARG B 172 -24.91 -1.26 42.99
CA ARG B 172 -24.63 -2.06 44.18
C ARG B 172 -24.69 -3.54 43.77
N LEU B 173 -23.64 -4.29 44.12
CA LEU B 173 -23.53 -5.71 43.77
C LEU B 173 -24.56 -6.56 44.53
N LEU B 174 -25.27 -7.42 43.79
CA LEU B 174 -26.27 -8.33 44.35
C LEU B 174 -25.85 -9.80 44.31
N ILE B 175 -25.48 -10.25 43.11
CA ILE B 175 -25.12 -11.63 42.86
C ILE B 175 -23.83 -11.71 42.03
N TYR B 176 -22.92 -12.58 42.44
CA TYR B 176 -21.70 -12.83 41.67
C TYR B 176 -21.54 -14.34 41.42
N GLY B 177 -21.13 -14.71 40.21
CA GLY B 177 -20.99 -16.10 39.82
C GLY B 177 -22.29 -16.75 39.40
N ALA B 178 -23.34 -15.93 39.28
CA ALA B 178 -24.71 -16.26 38.83
C ALA B 178 -25.60 -16.99 39.83
N SER B 179 -25.02 -17.38 40.96
CA SER B 179 -25.76 -18.09 42.00
C SER B 179 -25.57 -17.46 43.38
N THR B 180 -24.32 -17.18 43.70
CA THR B 180 -23.94 -16.64 45.01
C THR B 180 -24.55 -15.28 45.28
N ARG B 181 -25.08 -15.13 46.48
CA ARG B 181 -25.67 -13.86 46.90
C ARG B 181 -24.63 -13.10 47.69
N ALA B 182 -24.39 -11.85 47.28
CA ALA B 182 -23.40 -10.99 47.94
C ALA B 182 -23.78 -10.69 49.39
N THR B 183 -22.79 -10.33 50.20
CA THR B 183 -22.99 -10.05 51.63
C THR B 183 -23.90 -8.83 51.84
N GLY B 184 -24.86 -8.97 52.76
CA GLY B 184 -25.84 -7.92 53.05
C GLY B 184 -27.14 -8.05 52.28
N ILE B 185 -27.08 -8.71 51.12
CA ILE B 185 -28.25 -8.90 50.24
C ILE B 185 -29.19 -9.94 50.83
N PRO B 186 -30.50 -9.59 51.00
CA PRO B 186 -31.51 -10.54 51.50
C PRO B 186 -31.78 -11.68 50.51
N ASP B 187 -32.21 -12.83 51.03
CA ASP B 187 -32.39 -14.05 50.22
C ASP B 187 -33.58 -14.06 49.24
N ARG B 188 -34.35 -12.97 49.22
CA ARG B 188 -35.44 -12.81 48.23
C ARG B 188 -34.91 -12.51 46.81
N PHE B 189 -33.66 -12.03 46.74
CA PHE B 189 -32.92 -11.94 45.48
C PHE B 189 -32.26 -13.30 45.24
N SER B 190 -32.51 -13.88 44.07
CA SER B 190 -31.87 -15.14 43.69
C SER B 190 -31.42 -15.12 42.23
N GLY B 191 -30.18 -15.58 42.02
CA GLY B 191 -29.60 -15.70 40.68
C GLY B 191 -29.60 -17.14 40.22
N SER B 192 -29.72 -17.32 38.91
CA SER B 192 -29.81 -18.65 38.29
C SER B 192 -29.25 -18.68 36.87
N GLY B 193 -28.86 -19.86 36.42
CA GLY B 193 -28.46 -20.08 35.03
C GLY B 193 -27.01 -20.49 34.82
N SER B 194 -26.74 -21.01 33.62
CA SER B 194 -25.41 -21.48 33.24
C SER B 194 -25.22 -21.43 31.72
N GLY B 195 -24.04 -21.00 31.29
CA GLY B 195 -23.68 -20.99 29.87
C GLY B 195 -24.01 -19.68 29.18
N THR B 196 -25.27 -19.55 28.73
CA THR B 196 -25.73 -18.39 27.98
C THR B 196 -26.99 -17.74 28.57
N ASP B 197 -27.89 -18.56 29.11
CA ASP B 197 -29.19 -18.09 29.63
C ASP B 197 -29.16 -17.96 31.15
N PHE B 198 -29.45 -16.74 31.63
CA PHE B 198 -29.33 -16.38 33.04
C PHE B 198 -30.55 -15.63 33.54
N THR B 199 -30.90 -15.86 34.81
CA THR B 199 -32.05 -15.18 35.43
C THR B 199 -31.79 -14.59 36.81
N LEU B 200 -32.39 -13.43 37.04
CA LEU B 200 -32.48 -12.82 38.37
C LEU B 200 -33.95 -12.84 38.79
N THR B 201 -34.20 -13.35 40.00
CA THR B 201 -35.55 -13.46 40.55
C THR B 201 -35.66 -12.70 41.87
N ILE B 202 -36.56 -11.73 41.90
CA ILE B 202 -36.85 -10.95 43.11
C ILE B 202 -38.26 -11.31 43.59
N SER B 203 -38.33 -12.25 44.52
CA SER B 203 -39.59 -12.70 45.11
C SER B 203 -40.04 -11.74 46.21
N ARG B 204 -41.36 -11.46 46.23
CA ARG B 204 -41.98 -10.52 47.18
C ARG B 204 -41.31 -9.14 47.14
N LEU B 205 -41.65 -8.36 46.11
CA LEU B 205 -41.05 -7.05 45.86
C LEU B 205 -41.37 -6.03 46.97
N GLU B 206 -40.31 -5.42 47.48
CA GLU B 206 -40.40 -4.34 48.46
C GLU B 206 -40.38 -3.01 47.69
N PRO B 207 -40.98 -1.92 48.25
CA PRO B 207 -40.91 -0.60 47.62
C PRO B 207 -39.49 -0.11 47.27
N GLU B 208 -38.49 -0.52 48.07
CA GLU B 208 -37.08 -0.17 47.84
C GLU B 208 -36.47 -0.91 46.65
N ASP B 209 -36.99 -2.11 46.36
CA ASP B 209 -36.50 -2.97 45.27
C ASP B 209 -36.73 -2.42 43.86
N PHE B 210 -37.59 -1.42 43.73
CA PHE B 210 -37.92 -0.82 42.43
C PHE B 210 -36.79 0.07 41.91
N ALA B 211 -36.02 -0.51 40.99
CA ALA B 211 -34.76 0.04 40.51
C ALA B 211 -34.41 -0.54 39.13
N VAL B 212 -33.24 -0.16 38.61
CA VAL B 212 -32.72 -0.68 37.34
C VAL B 212 -31.66 -1.75 37.63
N TYR B 213 -31.75 -2.88 36.94
CA TYR B 213 -30.88 -4.03 37.19
C TYR B 213 -30.01 -4.39 35.99
N TYR B 214 -28.72 -4.60 36.24
CA TYR B 214 -27.74 -4.87 35.20
C TYR B 214 -27.02 -6.20 35.45
N CYS B 215 -26.85 -6.97 34.39
CA CYS B 215 -25.96 -8.13 34.42
C CYS B 215 -24.63 -7.79 33.77
N GLN B 216 -23.56 -8.44 34.24
CA GLN B 216 -22.19 -8.19 33.76
C GLN B 216 -21.39 -9.49 33.73
N GLN B 217 -20.82 -9.80 32.57
CA GLN B 217 -20.04 -11.03 32.37
C GLN B 217 -18.54 -10.81 32.60
N TYR B 218 -17.86 -11.87 32.99
CA TYR B 218 -16.41 -11.87 33.17
C TYR B 218 -15.77 -13.20 32.73
N GLY B 219 -16.36 -13.82 31.71
CA GLY B 219 -15.83 -15.03 31.08
C GLY B 219 -14.88 -14.70 29.94
N SER B 220 -15.16 -13.60 29.23
CA SER B 220 -14.33 -13.10 28.15
C SER B 220 -13.75 -11.74 28.48
N SER B 221 -12.77 -11.31 27.69
CA SER B 221 -12.24 -9.96 27.74
C SER B 221 -12.63 -9.22 26.45
N PRO B 222 -13.13 -7.96 26.56
CA PRO B 222 -13.26 -7.20 27.79
C PRO B 222 -14.58 -7.41 28.55
N ARG B 223 -14.66 -6.81 29.75
CA ARG B 223 -15.85 -6.85 30.59
C ARG B 223 -16.97 -6.03 29.96
N THR B 224 -18.15 -6.64 29.89
CA THR B 224 -19.32 -6.00 29.27
C THR B 224 -20.56 -6.08 30.15
N PHE B 225 -21.40 -5.05 30.05
CA PHE B 225 -22.69 -4.98 30.75
C PHE B 225 -23.86 -5.26 29.80
N GLY B 226 -24.98 -5.69 30.37
CA GLY B 226 -26.25 -5.76 29.65
C GLY B 226 -26.90 -4.38 29.58
N GLY B 227 -27.91 -4.24 28.73
CA GLY B 227 -28.62 -2.98 28.52
C GLY B 227 -29.45 -2.47 29.70
N GLY B 228 -29.77 -3.38 30.62
CA GLY B 228 -30.53 -3.03 31.82
C GLY B 228 -32.01 -3.36 31.74
N THR B 229 -32.60 -3.61 32.92
CA THR B 229 -34.04 -3.81 33.06
C THR B 229 -34.53 -2.96 34.22
N LYS B 230 -35.51 -2.10 33.95
CA LYS B 230 -36.13 -1.25 34.97
C LYS B 230 -37.37 -1.94 35.55
N VAL B 231 -37.36 -2.10 36.87
CA VAL B 231 -38.52 -2.60 37.61
C VAL B 231 -39.17 -1.38 38.28
N GLU B 232 -40.41 -1.11 37.90
CA GLU B 232 -41.15 0.06 38.40
C GLU B 232 -42.56 -0.27 38.89
N ILE B 233 -43.07 0.59 39.77
CA ILE B 233 -44.43 0.47 40.33
C ILE B 233 -45.53 0.78 39.33
N LYS B 234 -46.75 0.29 39.61
CA LYS B 234 -47.93 0.56 38.80
C LYS B 234 -49.18 0.67 39.68
#